data_5DD8
#
_entry.id   5DD8
#
_cell.length_a   44.931
_cell.length_b   44.931
_cell.length_c   284.825
_cell.angle_alpha   90.00
_cell.angle_beta   90.00
_cell.angle_gamma   120.00
#
_symmetry.space_group_name_H-M   'P 61'
#
loop_
_entity.id
_entity.type
_entity.pdbx_description
1 polymer 'Transcriptional regulator, MarR family'
2 non-polymer 'CHLORIDE ION'
3 water water
#
_entity_poly.entity_id   1
_entity_poly.type   'polypeptide(L)'
_entity_poly.pdbx_seq_one_letter_code
;MSARMDNDTAALLERIRSDWARLNHGQGPDSDGLTPSAGPMLTLLLLQRLHAALGREIERTYAASGLNAAGWDLLLTLYR
SAPPEGLRPTELSALAAISGPSTSNRIVRLLEKGLIERREDERDRRSASIRLTPQGRALVTHLLPAHLATTQRVLAPLSA
QEQRTLEELAGRMLAGLEQGV
;
_entity_poly.pdbx_strand_id   A,B
#
loop_
_chem_comp.id
_chem_comp.type
_chem_comp.name
_chem_comp.formula
CL non-polymer 'CHLORIDE ION' 'Cl -1'
#
# COMPACT_ATOMS: atom_id res chain seq x y z
N ASP A 8 7.27 15.18 -0.13
CA ASP A 8 8.14 15.01 1.06
C ASP A 8 7.65 15.78 2.28
N THR A 9 8.08 15.27 3.44
CA THR A 9 7.76 15.85 4.75
C THR A 9 6.22 15.85 4.98
N ALA A 10 5.83 16.28 6.19
CA ALA A 10 4.55 16.92 6.45
C ALA A 10 4.57 18.37 5.94
N ALA A 11 5.49 18.68 5.04
CA ALA A 11 5.73 20.08 4.63
C ALA A 11 4.39 20.58 4.11
N LEU A 12 3.85 19.83 3.15
CA LEU A 12 2.67 20.23 2.40
C LEU A 12 1.39 19.46 2.74
N LEU A 13 1.36 18.76 3.85
CA LEU A 13 0.07 18.38 4.39
C LEU A 13 -0.85 19.55 4.69
N GLU A 14 -0.26 20.63 5.14
CA GLU A 14 -1.05 21.84 5.35
C GLU A 14 -1.59 22.41 4.05
N ARG A 15 -0.80 22.37 2.98
CA ARG A 15 -1.28 22.79 1.68
C ARG A 15 -2.49 21.90 1.25
N ILE A 16 -2.37 20.59 1.44
CA ILE A 16 -3.44 19.64 1.01
C ILE A 16 -4.68 19.78 1.87
N ARG A 17 -4.47 20.01 3.17
CA ARG A 17 -5.55 20.34 4.08
C ARG A 17 -6.30 21.62 3.67
N SER A 18 -5.60 22.72 3.36
CA SER A 18 -6.28 23.94 2.98
C SER A 18 -6.94 23.80 1.60
N ASP A 19 -6.32 23.00 0.73
CA ASP A 19 -6.94 22.67 -0.56
C ASP A 19 -8.30 21.95 -0.43
N TRP A 20 -8.37 20.95 0.43
CA TRP A 20 -9.67 20.34 0.76
C TRP A 20 -10.63 21.31 1.38
N ALA A 21 -10.14 22.23 2.24
CA ALA A 21 -11.08 23.20 2.86
C ALA A 21 -11.80 24.07 1.81
N ARG A 22 -11.12 24.39 0.70
CA ARG A 22 -11.70 25.26 -0.35
C ARG A 22 -12.88 24.56 -1.00
N LEU A 23 -12.86 23.24 -1.03
CA LEU A 23 -13.98 22.45 -1.55
C LEU A 23 -15.25 22.59 -0.69
N ASN A 24 -15.12 22.82 0.62
CA ASN A 24 -16.28 23.23 1.46
C ASN A 24 -16.88 24.61 1.19
N HIS A 25 -18.18 24.62 0.95
CA HIS A 25 -18.87 25.73 0.29
C HIS A 25 -19.83 26.55 1.22
N GLY A 26 -19.92 26.19 2.51
CA GLY A 26 -20.75 26.97 3.45
C GLY A 26 -20.47 26.70 4.91
N PRO A 36 -17.34 18.31 5.83
CA PRO A 36 -16.70 18.06 7.12
C PRO A 36 -15.18 18.07 7.01
N SER A 37 -14.48 17.75 8.09
CA SER A 37 -13.00 17.82 8.15
C SER A 37 -12.23 16.92 7.13
N ALA A 38 -10.95 17.29 6.95
CA ALA A 38 -10.10 16.68 5.94
C ALA A 38 -9.34 15.45 6.45
N GLY A 39 -9.47 15.11 7.73
CA GLY A 39 -8.73 13.97 8.36
C GLY A 39 -8.74 12.67 7.58
N PRO A 40 -9.93 12.22 7.19
CA PRO A 40 -9.90 10.91 6.52
C PRO A 40 -9.08 10.92 5.24
N MET A 41 -9.09 12.04 4.50
CA MET A 41 -8.48 12.07 3.18
C MET A 41 -7.01 12.19 3.35
N LEU A 42 -6.61 12.90 4.40
CA LEU A 42 -5.21 13.06 4.71
C LEU A 42 -4.63 11.73 5.27
N THR A 43 -5.40 11.08 6.13
CA THR A 43 -4.96 9.80 6.70
C THR A 43 -4.74 8.75 5.63
N LEU A 44 -5.67 8.64 4.71
CA LEU A 44 -5.47 7.69 3.62
C LEU A 44 -4.33 8.07 2.70
N LEU A 45 -4.17 9.36 2.46
CA LEU A 45 -3.04 9.81 1.66
C LEU A 45 -1.75 9.44 2.37
N LEU A 46 -1.72 9.61 3.67
CA LEU A 46 -0.50 9.25 4.38
C LEU A 46 -0.16 7.72 4.33
N LEU A 47 -1.17 6.89 4.54
CA LEU A 47 -0.97 5.43 4.45
C LEU A 47 -0.50 4.99 3.05
N GLN A 48 -1.03 5.67 2.04
CA GLN A 48 -0.66 5.40 0.66
C GLN A 48 0.79 5.79 0.44
N ARG A 49 1.17 6.98 0.87
CA ARG A 49 2.57 7.37 0.77
C ARG A 49 3.48 6.43 1.59
N LEU A 50 3.03 6.08 2.78
CA LEU A 50 3.77 5.16 3.62
C LEU A 50 3.94 3.80 2.92
N HIS A 51 2.90 3.34 2.25
CA HIS A 51 2.98 2.03 1.56
C HIS A 51 4.08 2.11 0.53
N ALA A 52 4.14 3.19 -0.25
CA ALA A 52 5.23 3.36 -1.25
C ALA A 52 6.63 3.43 -0.64
N ALA A 53 6.76 4.20 0.43
CA ALA A 53 8.08 4.37 1.06
C ALA A 53 8.56 3.10 1.68
N LEU A 54 7.67 2.40 2.38
CA LEU A 54 7.99 1.08 2.87
C LEU A 54 8.42 0.13 1.77
N GLY A 55 7.64 0.05 0.70
CA GLY A 55 8.06 -0.65 -0.51
C GLY A 55 9.55 -0.41 -0.87
N ARG A 56 9.94 0.87 -0.98
CA ARG A 56 11.29 1.24 -1.36
C ARG A 56 12.32 0.67 -0.45
N GLU A 57 12.14 0.86 0.86
CA GLU A 57 13.08 0.30 1.85
C GLU A 57 13.12 -1.22 1.78
N ILE A 58 11.97 -1.85 1.81
CA ILE A 58 11.99 -3.33 1.89
C ILE A 58 12.64 -3.91 0.67
N GLU A 59 12.45 -3.25 -0.47
CA GLU A 59 12.98 -3.71 -1.75
C GLU A 59 14.51 -3.94 -1.81
N ARG A 60 15.25 -3.19 -1.00
CA ARG A 60 16.69 -3.17 -1.10
C ARG A 60 17.26 -4.51 -0.75
N THR A 61 16.55 -5.24 0.12
CA THR A 61 17.01 -6.53 0.63
C THR A 61 17.21 -7.49 -0.53
N TYR A 62 16.31 -7.46 -1.49
CA TYR A 62 16.25 -8.46 -2.50
C TYR A 62 16.36 -7.90 -3.91
N ALA A 63 16.47 -6.58 -4.09
CA ALA A 63 16.55 -6.02 -5.45
C ALA A 63 17.76 -6.62 -6.14
N ALA A 64 18.89 -6.67 -5.45
CA ALA A 64 20.13 -7.20 -6.09
C ALA A 64 20.06 -8.70 -6.48
N SER A 65 19.23 -9.46 -5.75
CA SER A 65 18.97 -10.84 -6.11
C SER A 65 18.02 -11.03 -7.28
N GLY A 66 17.42 -9.96 -7.74
CA GLY A 66 16.63 -10.05 -8.96
C GLY A 66 15.17 -10.24 -8.66
N LEU A 67 14.80 -10.18 -7.39
CA LEU A 67 13.41 -10.36 -6.98
C LEU A 67 12.65 -9.06 -6.98
N ASN A 68 11.35 -9.15 -7.14
CA ASN A 68 10.48 -8.01 -6.88
C ASN A 68 9.63 -8.30 -5.66
N ALA A 69 8.73 -7.40 -5.31
CA ALA A 69 8.00 -7.52 -4.02
C ALA A 69 7.09 -8.76 -3.98
N ALA A 70 6.33 -9.00 -5.04
CA ALA A 70 5.49 -10.18 -5.17
C ALA A 70 6.28 -11.50 -5.05
N GLY A 71 7.47 -11.52 -5.64
CA GLY A 71 8.35 -12.71 -5.63
C GLY A 71 8.86 -12.98 -4.24
N TRP A 72 9.41 -11.94 -3.63
CA TRP A 72 9.93 -12.07 -2.27
C TRP A 72 8.86 -12.51 -1.28
N ASP A 73 7.68 -11.91 -1.41
CA ASP A 73 6.57 -12.27 -0.52
C ASP A 73 6.26 -13.77 -0.68
N LEU A 74 6.21 -14.29 -1.90
CA LEU A 74 5.78 -15.66 -2.06
C LEU A 74 6.82 -16.56 -1.43
N LEU A 75 8.11 -16.32 -1.73
CA LEU A 75 9.20 -17.07 -1.14
C LEU A 75 9.24 -17.04 0.39
N LEU A 76 9.15 -15.84 0.96
CA LEU A 76 9.13 -15.72 2.37
C LEU A 76 7.91 -16.41 3.05
N THR A 77 6.73 -16.30 2.45
CA THR A 77 5.59 -16.94 3.00
C THR A 77 5.79 -18.48 3.07
N LEU A 78 6.38 -19.05 2.03
CA LEU A 78 6.68 -20.48 2.10
C LEU A 78 7.70 -20.81 3.18
N TYR A 79 8.72 -19.98 3.27
CA TYR A 79 9.75 -20.14 4.26
C TYR A 79 9.18 -20.19 5.66
N ARG A 80 8.37 -19.18 6.02
CA ARG A 80 7.77 -19.20 7.36
C ARG A 80 6.62 -20.19 7.54
N SER A 81 5.81 -20.42 6.51
CA SER A 81 4.51 -21.02 6.72
C SER A 81 4.24 -22.30 5.99
N ALA A 82 5.07 -22.70 5.04
CA ALA A 82 4.82 -23.98 4.39
C ALA A 82 5.30 -25.17 5.24
N PRO A 83 4.47 -26.21 5.38
CA PRO A 83 4.94 -27.47 5.90
C PRO A 83 5.76 -28.20 4.85
N PRO A 84 6.36 -29.33 5.22
CA PRO A 84 7.33 -29.88 4.28
C PRO A 84 6.81 -30.19 2.85
N GLU A 85 5.56 -30.58 2.72
CA GLU A 85 4.95 -30.87 1.44
C GLU A 85 4.60 -29.60 0.61
N GLY A 86 4.50 -28.46 1.27
CA GLY A 86 4.25 -27.21 0.60
C GLY A 86 2.85 -26.70 0.86
N LEU A 87 2.51 -25.62 0.20
CA LEU A 87 1.22 -25.01 0.38
C LEU A 87 0.42 -25.04 -0.93
N ARG A 88 -0.87 -25.33 -0.84
CA ARG A 88 -1.77 -25.27 -2.01
C ARG A 88 -2.16 -23.82 -2.23
N PRO A 89 -2.78 -23.51 -3.40
CA PRO A 89 -2.82 -22.12 -3.89
C PRO A 89 -3.71 -21.23 -3.03
N THR A 90 -4.88 -21.76 -2.63
CA THR A 90 -5.71 -21.16 -1.60
C THR A 90 -4.94 -20.83 -0.33
N GLU A 91 -4.28 -21.84 0.24
CA GLU A 91 -3.58 -21.67 1.51
C GLU A 91 -2.55 -20.59 1.39
N LEU A 92 -1.78 -20.70 0.33
CA LEU A 92 -0.68 -19.80 0.07
C LEU A 92 -1.14 -18.35 0.03
N SER A 93 -2.16 -18.07 -0.77
CA SER A 93 -2.70 -16.72 -0.81
C SER A 93 -3.24 -16.33 0.55
N ALA A 94 -3.92 -17.22 1.24
CA ALA A 94 -4.35 -16.82 2.58
C ALA A 94 -3.19 -16.46 3.55
N LEU A 95 -1.97 -16.98 3.32
CA LEU A 95 -0.86 -16.78 4.30
C LEU A 95 0.16 -15.70 3.87
N ALA A 96 0.04 -15.22 2.64
CA ALA A 96 0.98 -14.28 2.07
C ALA A 96 0.54 -12.86 2.36
N ALA A 97 1.50 -11.95 2.38
CA ALA A 97 1.17 -10.57 2.67
C ALA A 97 0.52 -9.87 1.47
N ILE A 98 0.87 -10.29 0.25
CA ILE A 98 0.51 -9.56 -0.99
C ILE A 98 -0.42 -10.43 -1.79
N SER A 99 -1.47 -9.80 -2.32
CA SER A 99 -2.40 -10.42 -3.26
C SER A 99 -2.86 -9.44 -4.36
N GLY A 100 -3.50 -9.98 -5.39
CA GLY A 100 -4.03 -9.15 -6.46
C GLY A 100 -3.27 -9.32 -7.74
N PRO A 101 -3.60 -8.49 -8.74
CA PRO A 101 -3.04 -8.69 -10.07
C PRO A 101 -1.52 -8.42 -10.09
N SER A 102 -1.07 -7.59 -9.13
CA SER A 102 0.31 -7.47 -8.69
C SER A 102 1.05 -8.83 -8.62
N THR A 103 0.35 -9.92 -8.32
CA THR A 103 0.96 -11.24 -8.15
C THR A 103 0.58 -12.24 -9.24
N SER A 104 0.40 -11.80 -10.48
CA SER A 104 -0.17 -12.71 -11.50
C SER A 104 0.73 -13.87 -11.93
N ASN A 105 1.95 -13.59 -12.38
CA ASN A 105 2.85 -14.68 -12.81
C ASN A 105 3.99 -14.93 -11.86
N ARG A 106 3.74 -14.63 -10.59
CA ARG A 106 4.75 -14.81 -9.57
C ARG A 106 5.12 -16.30 -9.49
N ILE A 107 4.15 -17.20 -9.61
CA ILE A 107 4.47 -18.63 -9.46
C ILE A 107 5.18 -19.15 -10.72
N VAL A 108 4.64 -18.76 -11.87
CA VAL A 108 5.26 -19.08 -13.14
C VAL A 108 6.73 -18.61 -13.11
N ARG A 109 6.97 -17.37 -12.69
CA ARG A 109 8.31 -16.80 -12.75
C ARG A 109 9.27 -17.44 -11.77
N LEU A 110 8.80 -17.65 -10.55
CA LEU A 110 9.61 -18.30 -9.57
C LEU A 110 9.91 -19.74 -9.96
N LEU A 111 8.96 -20.43 -10.59
CA LEU A 111 9.24 -21.79 -11.08
C LEU A 111 10.36 -21.69 -12.09
N GLU A 112 10.14 -20.86 -13.11
CA GLU A 112 11.16 -20.51 -14.09
C GLU A 112 12.57 -20.31 -13.51
N LYS A 113 12.63 -19.61 -12.39
CA LYS A 113 13.90 -19.24 -11.77
C LYS A 113 14.51 -20.29 -10.86
N GLY A 114 13.86 -21.45 -10.74
CA GLY A 114 14.38 -22.57 -9.96
C GLY A 114 14.27 -22.42 -8.44
N LEU A 115 13.49 -21.43 -7.96
CA LEU A 115 13.46 -21.12 -6.53
C LEU A 115 12.31 -21.82 -5.84
N ILE A 116 11.29 -22.19 -6.61
CA ILE A 116 10.21 -22.98 -6.09
C ILE A 116 9.97 -24.16 -7.01
N GLU A 117 9.35 -25.21 -6.47
CA GLU A 117 8.94 -26.35 -7.28
C GLU A 117 7.49 -26.73 -6.96
N ARG A 118 6.86 -27.50 -7.84
CA ARG A 118 5.56 -28.04 -7.58
C ARG A 118 5.66 -29.51 -7.22
N ARG A 119 4.59 -30.07 -6.67
CA ARG A 119 4.48 -31.51 -6.47
C ARG A 119 3.01 -31.88 -6.14
N GLU A 120 2.61 -33.13 -6.38
CA GLU A 120 1.25 -33.53 -6.05
C GLU A 120 1.20 -34.76 -5.15
N ALA A 128 -1.95 -29.40 -7.34
CA ALA A 128 -0.67 -28.74 -7.22
C ALA A 128 -0.13 -28.92 -5.78
N SER A 129 0.63 -27.94 -5.32
CA SER A 129 1.22 -27.82 -3.98
C SER A 129 2.62 -27.28 -4.22
N ILE A 130 2.92 -26.16 -3.62
CA ILE A 130 4.14 -25.46 -3.94
C ILE A 130 5.07 -25.38 -2.76
N ARG A 131 6.36 -25.60 -3.03
CA ARG A 131 7.39 -25.38 -2.04
C ARG A 131 8.68 -24.78 -2.59
N LEU A 132 9.53 -24.33 -1.65
CA LEU A 132 10.86 -23.89 -1.98
C LEU A 132 11.75 -25.04 -2.48
N THR A 133 12.53 -24.78 -3.53
CA THR A 133 13.66 -25.63 -3.87
C THR A 133 14.75 -25.31 -2.85
N PRO A 134 15.82 -26.12 -2.83
CA PRO A 134 16.97 -25.77 -2.04
C PRO A 134 17.57 -24.41 -2.35
N GLN A 135 17.59 -24.02 -3.61
CA GLN A 135 18.18 -22.72 -3.94
C GLN A 135 17.26 -21.60 -3.42
N GLY A 136 15.95 -21.75 -3.64
CA GLY A 136 14.96 -20.86 -3.02
C GLY A 136 15.09 -20.72 -1.51
N ARG A 137 15.19 -21.84 -0.76
CA ARG A 137 15.43 -21.74 0.69
C ARG A 137 16.78 -21.06 1.14
N ALA A 138 17.90 -21.37 0.48
CA ALA A 138 19.19 -20.74 0.82
C ALA A 138 19.08 -19.25 0.58
N LEU A 139 18.46 -18.90 -0.54
CA LEU A 139 18.23 -17.48 -0.85
C LEU A 139 17.50 -16.71 0.29
N VAL A 140 16.42 -17.28 0.81
CA VAL A 140 15.67 -16.57 1.84
C VAL A 140 16.48 -16.59 3.11
N THR A 141 17.09 -17.75 3.39
CA THR A 141 17.90 -17.83 4.57
C THR A 141 18.96 -16.73 4.57
N HIS A 142 19.61 -16.54 3.43
CA HIS A 142 20.65 -15.47 3.38
C HIS A 142 20.08 -14.06 3.49
N LEU A 143 18.90 -13.80 2.95
CA LEU A 143 18.37 -12.39 2.97
C LEU A 143 17.60 -12.00 4.23
N LEU A 144 17.09 -13.00 4.89
CA LEU A 144 16.19 -12.76 5.98
C LEU A 144 16.75 -11.88 7.05
N PRO A 145 18.02 -12.03 7.40
CA PRO A 145 18.49 -11.15 8.46
C PRO A 145 18.35 -9.68 8.11
N ALA A 146 18.57 -9.34 6.84
CA ALA A 146 18.51 -7.95 6.38
C ALA A 146 17.05 -7.52 6.22
N HIS A 147 16.20 -8.47 5.84
CA HIS A 147 14.79 -8.17 5.75
C HIS A 147 14.27 -7.91 7.14
N LEU A 148 14.71 -8.74 8.06
CA LEU A 148 14.26 -8.55 9.42
C LEU A 148 14.79 -7.24 10.02
N ALA A 149 16.05 -6.92 9.73
CA ALA A 149 16.65 -5.64 10.13
C ALA A 149 15.87 -4.44 9.58
N THR A 150 15.62 -4.43 8.28
CA THR A 150 14.84 -3.35 7.66
C THR A 150 13.46 -3.19 8.27
N THR A 151 12.75 -4.31 8.48
CA THR A 151 11.45 -4.31 9.10
C THR A 151 11.42 -3.61 10.44
N GLN A 152 12.39 -3.95 11.29
CA GLN A 152 12.53 -3.30 12.61
C GLN A 152 12.95 -1.82 12.48
N ARG A 153 13.88 -1.55 11.57
CA ARG A 153 14.32 -0.18 11.26
C ARG A 153 13.18 0.76 10.80
N VAL A 154 12.33 0.35 9.84
CA VAL A 154 11.21 1.21 9.42
C VAL A 154 10.14 1.45 10.51
N LEU A 155 10.05 0.58 11.49
CA LEU A 155 9.08 0.77 12.59
C LEU A 155 9.74 1.47 13.77
N ALA A 156 11.07 1.65 13.67
CA ALA A 156 11.91 2.13 14.78
C ALA A 156 11.50 3.47 15.34
N PRO A 157 11.03 4.42 14.50
CA PRO A 157 10.52 5.69 15.09
C PRO A 157 9.41 5.55 16.16
N LEU A 158 8.83 4.37 16.28
CA LEU A 158 7.66 4.14 17.13
C LEU A 158 8.00 3.23 18.29
N SER A 159 7.38 3.48 19.44
CA SER A 159 7.53 2.68 20.65
C SER A 159 6.75 1.39 20.59
N ALA A 160 6.90 0.62 21.67
CA ALA A 160 6.17 -0.62 21.88
C ALA A 160 4.66 -0.49 21.82
N GLN A 161 4.11 0.47 22.59
CA GLN A 161 2.69 0.80 22.54
C GLN A 161 2.35 1.12 21.12
N GLU A 162 3.06 2.09 20.60
CA GLU A 162 2.69 2.67 19.35
C GLU A 162 2.63 1.60 18.30
N GLN A 163 3.67 0.78 18.23
CA GLN A 163 3.68 -0.30 17.27
C GLN A 163 2.43 -1.20 17.43
N ARG A 164 2.07 -1.53 18.68
CA ARG A 164 0.90 -2.38 18.94
C ARG A 164 -0.40 -1.69 18.62
N THR A 165 -0.46 -0.42 18.96
CA THR A 165 -1.56 0.44 18.56
C THR A 165 -1.79 0.51 17.05
N LEU A 166 -0.70 0.69 16.30
CA LEU A 166 -0.74 0.69 14.85
C LEU A 166 -1.30 -0.62 14.36
N GLU A 167 -0.77 -1.69 14.94
CA GLU A 167 -1.23 -3.06 14.74
C GLU A 167 -2.73 -3.20 14.93
N GLU A 168 -3.22 -2.72 16.07
CA GLU A 168 -4.64 -2.82 16.41
C GLU A 168 -5.51 -2.02 15.43
N LEU A 169 -5.09 -0.80 15.11
CA LEU A 169 -5.93 0.06 14.31
C LEU A 169 -6.03 -0.43 12.88
N ALA A 170 -4.91 -0.86 12.35
CA ALA A 170 -4.86 -1.50 11.07
C ALA A 170 -5.70 -2.77 11.05
N GLY A 171 -5.54 -3.65 12.05
CA GLY A 171 -6.38 -4.86 12.09
C GLY A 171 -7.85 -4.52 12.14
N ARG A 172 -8.15 -3.52 12.97
CA ARG A 172 -9.49 -3.06 13.17
C ARG A 172 -10.10 -2.45 11.89
N MET A 173 -9.36 -1.57 11.22
CA MET A 173 -9.80 -1.10 9.90
C MET A 173 -9.95 -2.29 8.95
N LEU A 174 -8.95 -3.15 8.95
CA LEU A 174 -8.88 -4.24 7.97
C LEU A 174 -10.02 -5.24 8.17
N ALA A 175 -10.34 -5.50 9.43
CA ALA A 175 -11.49 -6.30 9.82
C ALA A 175 -12.79 -5.72 9.25
N GLY A 176 -12.98 -4.42 9.42
CA GLY A 176 -14.19 -3.80 8.92
C GLY A 176 -14.41 -4.02 7.42
N LEU A 177 -13.34 -4.08 6.65
CA LEU A 177 -13.42 -4.33 5.21
C LEU A 177 -13.42 -5.81 4.76
N GLU A 178 -12.75 -6.71 5.47
CA GLU A 178 -12.79 -8.17 5.14
C GLU A 178 -14.20 -8.77 5.28
N GLN A 179 -14.73 -9.23 4.14
CA GLN A 179 -16.13 -9.62 4.01
C GLN A 179 -16.23 -10.91 3.18
N ASP B 8 -7.99 -13.75 5.42
CA ASP B 8 -9.09 -13.05 6.13
C ASP B 8 -8.98 -13.11 7.66
N THR B 9 -9.63 -12.13 8.28
CA THR B 9 -9.71 -12.00 9.73
C THR B 9 -8.28 -11.80 10.32
N ALA B 10 -8.25 -11.57 11.64
CA ALA B 10 -7.14 -11.93 12.49
C ALA B 10 -7.13 -13.44 12.74
N ALA B 11 -7.83 -14.21 11.90
CA ALA B 11 -8.05 -15.65 12.17
C ALA B 11 -6.66 -16.25 12.30
N LEU B 12 -5.85 -16.02 11.28
CA LEU B 12 -4.55 -16.65 11.14
C LEU B 12 -3.34 -15.73 11.39
N LEU B 13 -3.53 -14.57 11.98
CA LEU B 13 -2.40 -13.88 12.57
C LEU B 13 -1.64 -14.72 13.61
N GLU B 14 -2.41 -15.47 14.38
CA GLU B 14 -1.81 -16.38 15.34
C GLU B 14 -1.00 -17.48 14.65
N ARG B 15 -1.52 -18.02 13.56
CA ARG B 15 -0.72 -18.95 12.76
C ARG B 15 0.60 -18.29 12.29
N ILE B 16 0.54 -17.09 11.76
CA ILE B 16 1.73 -16.40 11.23
C ILE B 16 2.70 -16.03 12.34
N ARG B 17 2.16 -15.62 13.48
CA ARG B 17 2.96 -15.39 14.68
C ARG B 17 3.71 -16.64 15.16
N SER B 18 3.04 -17.80 15.26
CA SER B 18 3.71 -19.01 15.71
C SER B 18 4.70 -19.49 14.65
N ASP B 19 4.39 -19.25 13.38
CA ASP B 19 5.34 -19.56 12.29
C ASP B 19 6.67 -18.78 12.39
N TRP B 20 6.59 -17.49 12.64
CA TRP B 20 7.79 -16.70 12.94
C TRP B 20 8.48 -17.20 14.18
N ALA B 21 7.74 -17.59 15.22
CA ALA B 21 8.43 -18.07 16.45
C ALA B 21 9.33 -19.31 16.19
N ARG B 22 8.92 -20.17 15.26
CA ARG B 22 9.68 -21.41 14.94
C ARG B 22 11.01 -21.04 14.34
N LEU B 23 11.08 -19.89 13.69
CA LEU B 23 12.37 -19.40 13.16
C LEU B 23 13.38 -19.05 14.26
N ASN B 24 12.91 -18.62 15.43
CA ASN B 24 13.81 -18.47 16.61
C ASN B 24 14.34 -19.77 17.21
N HIS B 25 15.66 -19.83 17.36
CA HIS B 25 16.41 -21.08 17.53
C HIS B 25 17.05 -21.26 18.93
N GLY B 26 16.90 -20.28 19.83
CA GLY B 26 17.50 -20.40 21.18
C GLY B 26 16.99 -19.40 22.19
N PRO B 36 14.02 -11.97 18.20
CA PRO B 36 13.11 -11.17 19.00
C PRO B 36 11.66 -11.33 18.51
N SER B 37 10.73 -10.56 19.08
CA SER B 37 9.28 -10.69 18.78
C SER B 37 8.85 -10.46 17.29
N ALA B 38 7.64 -10.95 17.00
CA ALA B 38 7.12 -10.98 15.65
C ALA B 38 6.35 -9.71 15.28
N GLY B 39 6.18 -8.77 16.21
CA GLY B 39 5.39 -7.53 15.99
C GLY B 39 5.67 -6.79 14.70
N PRO B 40 6.94 -6.50 14.43
CA PRO B 40 7.17 -5.68 13.25
C PRO B 40 6.71 -6.36 11.96
N MET B 41 6.83 -7.69 11.88
CA MET B 41 6.58 -8.40 10.64
C MET B 41 5.11 -8.50 10.48
N LEU B 42 4.41 -8.64 11.60
CA LEU B 42 2.97 -8.73 11.60
C LEU B 42 2.36 -7.35 11.26
N THR B 43 2.93 -6.32 11.86
CA THR B 43 2.44 -4.97 11.61
C THR B 43 2.55 -4.59 10.14
N LEU B 44 3.69 -4.87 9.55
CA LEU B 44 3.85 -4.58 8.13
C LEU B 44 2.97 -5.43 7.24
N LEU B 45 2.81 -6.68 7.63
CA LEU B 45 1.87 -7.54 6.90
C LEU B 45 0.50 -6.96 7.01
N LEU B 46 0.12 -6.52 8.19
CA LEU B 46 -1.23 -5.93 8.29
C LEU B 46 -1.43 -4.64 7.41
N LEU B 47 -0.46 -3.74 7.46
CA LEU B 47 -0.55 -2.51 6.62
C LEU B 47 -0.62 -2.83 5.12
N GLN B 48 0.10 -3.85 4.73
CA GLN B 48 0.11 -4.34 3.34
C GLN B 48 -1.25 -4.88 2.99
N ARG B 49 -1.80 -5.74 3.85
CA ARG B 49 -3.16 -6.23 3.58
C ARG B 49 -4.17 -5.07 3.55
N LEU B 50 -4.03 -4.14 4.49
CA LEU B 50 -4.89 -2.99 4.56
C LEU B 50 -4.79 -2.17 3.27
N HIS B 51 -3.59 -2.02 2.74
CA HIS B 51 -3.40 -1.22 1.51
C HIS B 51 -4.21 -1.86 0.41
N ALA B 52 -4.14 -3.18 0.26
CA ALA B 52 -4.96 -3.88 -0.77
C ALA B 52 -6.47 -3.73 -0.58
N ALA B 53 -6.92 -3.89 0.65
CA ALA B 53 -8.34 -3.85 0.93
C ALA B 53 -8.90 -2.47 0.73
N LEU B 54 -8.17 -1.47 1.18
CA LEU B 54 -8.52 -0.11 0.88
C LEU B 54 -8.60 0.17 -0.60
N GLY B 55 -7.57 -0.21 -1.33
CA GLY B 55 -7.61 -0.20 -2.79
C GLY B 55 -8.95 -0.69 -3.36
N ARG B 56 -9.37 -1.90 -2.95
CA ARG B 56 -10.63 -2.48 -3.42
C ARG B 56 -11.82 -1.61 -3.19
N GLU B 57 -11.99 -1.14 -1.95
CA GLU B 57 -13.10 -0.23 -1.63
C GLU B 57 -13.02 1.06 -2.43
N ILE B 58 -11.88 1.71 -2.42
CA ILE B 58 -11.82 3.04 -3.07
C ILE B 58 -12.10 2.90 -4.54
N GLU B 59 -11.66 1.78 -5.13
CA GLU B 59 -11.82 1.52 -6.55
C GLU B 59 -13.26 1.58 -7.10
N ARG B 60 -14.24 1.29 -6.25
CA ARG B 60 -15.60 1.13 -6.71
C ARG B 60 -16.15 2.44 -7.21
N THR B 61 -15.64 3.54 -6.65
CA THR B 61 -16.12 4.87 -6.97
C THR B 61 -15.96 5.16 -8.44
N TYR B 62 -14.86 4.71 -9.00
CA TYR B 62 -14.48 5.07 -10.32
C TYR B 62 -14.25 3.89 -11.26
N ALA B 63 -14.41 2.64 -10.79
CA ALA B 63 -14.18 1.50 -11.68
C ALA B 63 -15.13 1.58 -12.85
N ALA B 64 -16.40 1.88 -12.61
CA ALA B 64 -17.39 1.93 -13.72
C ALA B 64 -17.14 3.09 -14.72
N SER B 65 -16.48 4.16 -14.26
CA SER B 65 -16.05 5.22 -15.17
C SER B 65 -14.84 4.86 -16.00
N GLY B 66 -14.20 3.75 -15.73
CA GLY B 66 -13.13 3.29 -16.59
C GLY B 66 -11.78 3.70 -16.07
N LEU B 67 -11.75 4.30 -14.88
CA LEU B 67 -10.50 4.73 -14.27
C LEU B 67 -9.85 3.63 -13.45
N ASN B 68 -8.53 3.71 -13.30
CA ASN B 68 -7.85 2.91 -12.30
C ASN B 68 -7.32 3.84 -11.21
N ALA B 69 -6.61 3.30 -10.25
CA ALA B 69 -6.21 4.07 -9.04
C ALA B 69 -5.25 5.25 -9.36
N ALA B 70 -4.23 4.99 -10.16
CA ALA B 70 -3.32 6.01 -10.64
C ALA B 70 -4.04 7.17 -11.39
N GLY B 71 -5.04 6.82 -12.20
CA GLY B 71 -5.81 7.79 -13.00
C GLY B 71 -6.63 8.67 -12.11
N TRP B 72 -7.38 8.01 -11.22
CA TRP B 72 -8.21 8.75 -10.27
C TRP B 72 -7.40 9.69 -9.39
N ASP B 73 -6.27 9.19 -8.89
CA ASP B 73 -5.39 10.00 -8.06
C ASP B 73 -4.96 11.25 -8.83
N LEU B 74 -4.59 11.10 -10.08
CA LEU B 74 -4.04 12.25 -10.78
C LEU B 74 -5.13 13.28 -10.93
N LEU B 75 -6.31 12.84 -11.39
CA LEU B 75 -7.45 13.72 -11.56
C LEU B 75 -7.88 14.43 -10.28
N LEU B 76 -8.01 13.68 -9.20
CA LEU B 76 -8.37 14.25 -7.95
C LEU B 76 -7.31 15.26 -7.42
N THR B 77 -6.04 14.95 -7.57
CA THR B 77 -5.02 15.85 -7.12
C THR B 77 -5.13 17.21 -7.86
N LEU B 78 -5.42 17.16 -9.14
CA LEU B 78 -5.64 18.42 -9.86
C LEU B 78 -6.85 19.18 -9.37
N TYR B 79 -7.91 18.42 -9.16
CA TYR B 79 -9.15 18.95 -8.69
C TYR B 79 -8.94 19.72 -7.40
N ARG B 80 -8.32 19.08 -6.39
CA ARG B 80 -8.08 19.78 -5.14
C ARG B 80 -6.96 20.82 -5.17
N SER B 81 -5.90 20.59 -5.94
CA SER B 81 -4.66 21.28 -5.74
C SER B 81 -4.14 22.06 -6.90
N ALA B 82 -4.68 21.92 -8.10
CA ALA B 82 -4.17 22.70 -9.18
C ALA B 82 -4.78 24.12 -9.17
N PRO B 83 -3.94 25.14 -9.39
CA PRO B 83 -4.43 26.46 -9.67
C PRO B 83 -4.90 26.53 -11.11
N PRO B 84 -5.49 27.65 -11.48
CA PRO B 84 -6.16 27.62 -12.80
C PRO B 84 -5.26 27.25 -14.00
N GLU B 85 -3.98 27.60 -13.97
CA GLU B 85 -3.05 27.27 -15.04
C GLU B 85 -2.59 25.79 -15.02
N GLY B 86 -2.74 25.13 -13.89
CA GLY B 86 -2.43 23.73 -13.78
C GLY B 86 -1.18 23.51 -12.99
N LEU B 87 -0.75 22.27 -12.92
CA LEU B 87 0.40 21.91 -12.13
C LEU B 87 1.50 21.34 -13.04
N ARG B 88 2.75 21.71 -12.77
CA ARG B 88 3.89 21.16 -13.50
C ARG B 88 4.23 19.80 -12.87
N PRO B 89 5.10 18.99 -13.54
CA PRO B 89 5.19 17.56 -13.26
C PRO B 89 5.77 17.27 -11.88
N THR B 90 6.83 18.01 -11.51
CA THR B 90 7.32 18.04 -10.14
C THR B 90 6.23 18.33 -9.11
N GLU B 91 5.52 19.43 -9.30
CA GLU B 91 4.51 19.86 -8.33
C GLU B 91 3.48 18.80 -8.18
N LEU B 92 3.01 18.32 -9.31
CA LEU B 92 1.95 17.33 -9.37
C LEU B 92 2.31 16.08 -8.59
N SER B 93 3.48 15.51 -8.85
CA SER B 93 3.94 14.37 -8.09
C SER B 93 4.08 14.72 -6.63
N ALA B 94 4.62 15.89 -6.31
CA ALA B 94 4.66 16.22 -4.88
C ALA B 94 3.27 16.31 -4.19
N LEU B 95 2.20 16.59 -4.94
CA LEU B 95 0.86 16.79 -4.30
C LEU B 95 -0.08 15.57 -4.36
N ALA B 96 0.30 14.55 -5.14
CA ALA B 96 -0.51 13.40 -5.43
C ALA B 96 -0.25 12.31 -4.39
N ALA B 97 -1.24 11.46 -4.19
CA ALA B 97 -1.08 10.42 -3.20
C ALA B 97 -0.19 9.28 -3.69
N ILE B 98 -0.20 9.01 -5.01
CA ILE B 98 0.39 7.82 -5.60
C ILE B 98 1.54 8.24 -6.45
N SER B 99 2.65 7.49 -6.32
CA SER B 99 3.83 7.63 -7.18
C SER B 99 4.48 6.28 -7.51
N GLY B 100 5.39 6.29 -8.46
CA GLY B 100 6.11 5.09 -8.84
C GLY B 100 5.71 4.58 -10.19
N PRO B 101 6.22 3.38 -10.55
CA PRO B 101 6.03 2.87 -11.91
C PRO B 101 4.54 2.55 -12.17
N SER B 102 3.81 2.26 -11.08
CA SER B 102 2.36 2.29 -11.00
C SER B 102 1.72 3.46 -11.79
N THR B 103 2.40 4.59 -11.88
CA THR B 103 1.86 5.78 -12.52
C THR B 103 2.57 6.15 -13.83
N SER B 104 3.03 5.18 -14.60
CA SER B 104 3.91 5.51 -15.75
C SER B 104 3.23 6.26 -16.92
N ASN B 105 2.14 5.71 -17.46
CA ASN B 105 1.46 6.39 -18.58
C ASN B 105 0.14 6.99 -18.20
N ARG B 106 0.04 7.35 -16.93
CA ARG B 106 -1.18 7.94 -16.43
C ARG B 106 -1.47 9.24 -17.15
N ILE B 107 -0.44 10.04 -17.43
CA ILE B 107 -0.70 11.33 -18.09
C ILE B 107 -1.03 11.13 -19.57
N VAL B 108 -0.23 10.28 -20.22
CA VAL B 108 -0.50 9.91 -21.58
C VAL B 108 -1.96 9.41 -21.70
N ARG B 109 -2.38 8.52 -20.81
CA ARG B 109 -3.70 7.91 -20.93
C ARG B 109 -4.83 8.88 -20.67
N LEU B 110 -4.67 9.69 -19.64
CA LEU B 110 -5.67 10.67 -19.32
C LEU B 110 -5.75 11.72 -20.41
N LEU B 111 -4.62 12.07 -21.02
CA LEU B 111 -4.68 13.00 -22.18
C LEU B 111 -5.51 12.34 -23.26
N GLU B 112 -5.10 11.14 -23.66
CA GLU B 112 -5.86 10.30 -24.57
C GLU B 112 -7.39 10.31 -24.33
N LYS B 113 -7.78 10.24 -23.08
CA LYS B 113 -9.18 10.13 -22.70
C LYS B 113 -9.93 11.46 -22.60
N GLY B 114 -9.25 12.56 -22.90
CA GLY B 114 -9.88 13.88 -22.92
C GLY B 114 -10.16 14.50 -21.54
N LEU B 115 -9.60 13.92 -20.47
CA LEU B 115 -9.95 14.35 -19.12
C LEU B 115 -8.96 15.38 -18.59
N ILE B 116 -7.76 15.38 -19.14
CA ILE B 116 -6.77 16.40 -18.83
C ILE B 116 -6.23 16.99 -20.11
N GLU B 117 -5.72 18.22 -20.02
CA GLU B 117 -5.03 18.83 -21.15
C GLU B 117 -3.67 19.40 -20.69
N ARG B 118 -2.79 19.68 -21.64
CA ARG B 118 -1.56 20.36 -21.36
C ARG B 118 -1.65 21.83 -21.81
N ARG B 119 -0.71 22.64 -21.34
CA ARG B 119 -0.55 24.01 -21.85
C ARG B 119 0.80 24.58 -21.38
N GLU B 120 1.34 25.58 -22.08
CA GLU B 120 2.61 26.18 -21.65
C GLU B 120 2.51 27.69 -21.47
N ALA B 128 5.72 22.16 -19.91
CA ALA B 128 4.40 21.56 -19.81
C ALA B 128 3.53 22.39 -18.84
N SER B 129 2.60 21.71 -18.18
CA SER B 129 1.69 22.22 -17.16
C SER B 129 0.37 21.55 -17.45
N ILE B 130 -0.15 20.83 -16.49
CA ILE B 130 -1.29 19.99 -16.71
C ILE B 130 -2.51 20.43 -15.92
N ARG B 131 -3.66 20.40 -16.58
CA ARG B 131 -4.92 20.63 -15.91
C ARG B 131 -6.09 19.76 -16.41
N LEU B 132 -7.17 19.77 -15.61
CA LEU B 132 -8.40 19.15 -16.01
C LEU B 132 -9.04 19.84 -17.21
N THR B 133 -9.56 19.05 -18.14
CA THR B 133 -10.50 19.56 -19.14
C THR B 133 -11.84 19.69 -18.40
N PRO B 134 -12.82 20.30 -19.07
CA PRO B 134 -14.15 20.33 -18.50
C PRO B 134 -14.74 18.97 -18.26
N GLN B 135 -14.48 18.01 -19.12
CA GLN B 135 -15.04 16.69 -18.91
C GLN B 135 -14.35 16.03 -17.69
N GLY B 136 -13.03 16.14 -17.62
CA GLY B 136 -12.27 15.73 -16.42
C GLY B 136 -12.80 16.34 -15.11
N ARG B 137 -13.03 17.66 -15.07
CA ARG B 137 -13.63 18.26 -13.87
C ARG B 137 -15.08 17.81 -13.50
N ALA B 138 -15.99 17.69 -14.49
CA ALA B 138 -17.35 17.21 -14.21
C ALA B 138 -17.29 15.79 -13.68
N LEU B 139 -16.45 14.98 -14.30
CA LEU B 139 -16.24 13.61 -13.80
C LEU B 139 -15.87 13.54 -12.29
N VAL B 140 -14.90 14.35 -11.86
CA VAL B 140 -14.48 14.28 -10.46
C VAL B 140 -15.59 14.86 -9.61
N THR B 141 -16.19 15.96 -10.09
CA THR B 141 -17.26 16.56 -9.36
C THR B 141 -18.37 15.55 -9.09
N HIS B 142 -18.73 14.79 -10.12
CA HIS B 142 -19.78 13.77 -9.90
C HIS B 142 -19.33 12.63 -8.97
N LEU B 143 -18.06 12.22 -8.99
CA LEU B 143 -17.65 11.03 -8.17
C LEU B 143 -17.26 11.35 -6.73
N LEU B 144 -16.89 12.59 -6.53
CA LEU B 144 -16.29 12.97 -5.28
C LEU B 144 -17.15 12.68 -4.10
N PRO B 145 -18.46 12.90 -4.19
CA PRO B 145 -19.23 12.61 -3.02
C PRO B 145 -19.10 11.16 -2.54
N ALA B 146 -19.03 10.23 -3.50
CA ALA B 146 -18.95 8.80 -3.21
C ALA B 146 -17.54 8.45 -2.76
N HIS B 147 -16.55 9.14 -3.34
CA HIS B 147 -15.18 8.92 -2.91
C HIS B 147 -15.04 9.42 -1.49
N LEU B 148 -15.65 10.55 -1.22
CA LEU B 148 -15.58 11.08 0.12
C LEU B 148 -16.33 10.20 1.13
N ALA B 149 -17.50 9.70 0.73
CA ALA B 149 -18.25 8.72 1.52
C ALA B 149 -17.44 7.46 1.84
N THR B 150 -16.89 6.83 0.83
CA THR B 150 -16.05 5.65 1.03
C THR B 150 -14.86 5.90 1.97
N THR B 151 -14.16 7.01 1.77
CA THR B 151 -13.06 7.42 2.62
C THR B 151 -13.39 7.47 4.10
N GLN B 152 -14.52 8.12 4.39
CA GLN B 152 -15.03 8.16 5.79
C GLN B 152 -15.50 6.78 6.29
N ARG B 153 -16.20 6.03 5.42
CA ARG B 153 -16.64 4.66 5.72
C ARG B 153 -15.49 3.70 6.07
N VAL B 154 -14.40 3.66 5.28
CA VAL B 154 -13.27 2.77 5.63
C VAL B 154 -12.52 3.15 6.92
N LEU B 155 -12.63 4.40 7.35
CA LEU B 155 -11.99 4.83 8.60
C LEU B 155 -12.97 4.75 9.77
N ALA B 156 -14.23 4.45 9.45
CA ALA B 156 -15.34 4.49 10.40
C ALA B 156 -15.18 3.61 11.62
N PRO B 157 -14.59 2.41 11.48
CA PRO B 157 -14.32 1.62 12.70
C PRO B 157 -13.51 2.32 13.81
N LEU B 158 -12.90 3.46 13.48
CA LEU B 158 -11.99 4.18 14.39
C LEU B 158 -12.57 5.52 14.84
N SER B 159 -12.28 5.89 16.08
CA SER B 159 -12.67 7.18 16.66
C SER B 159 -11.82 8.34 16.18
N ALA B 160 -12.19 9.51 16.67
CA ALA B 160 -11.46 10.75 16.45
C ALA B 160 -10.00 10.71 16.86
N GLN B 161 -9.75 10.28 18.10
CA GLN B 161 -8.38 10.07 18.58
C GLN B 161 -7.69 9.13 17.64
N GLU B 162 -8.31 7.97 17.49
CA GLU B 162 -7.67 6.89 16.80
C GLU B 162 -7.27 7.32 15.43
N GLN B 163 -8.21 7.93 14.71
CA GLN B 163 -7.89 8.41 13.38
C GLN B 163 -6.67 9.35 13.39
N ARG B 164 -6.62 10.26 14.37
CA ARG B 164 -5.50 11.21 14.45
C ARG B 164 -4.22 10.54 14.88
N THR B 165 -4.34 9.60 15.80
CA THR B 165 -3.23 8.75 16.17
C THR B 165 -2.63 7.98 14.98
N LEU B 166 -3.51 7.39 14.16
CA LEU B 166 -3.08 6.66 12.95
C LEU B 166 -2.32 7.60 12.05
N GLU B 167 -2.90 8.77 11.87
CA GLU B 167 -2.30 9.89 11.16
C GLU B 167 -0.90 10.21 11.66
N GLU B 168 -0.75 10.39 12.96
CA GLU B 168 0.54 10.73 13.57
C GLU B 168 1.57 9.61 13.33
N LEU B 169 1.15 8.37 13.54
CA LEU B 169 2.10 7.28 13.52
C LEU B 169 2.61 7.01 12.11
N ALA B 170 1.70 7.04 11.17
CA ALA B 170 2.02 6.98 9.79
C ALA B 170 2.91 8.14 9.37
N GLY B 171 2.57 9.38 9.73
CA GLY B 171 3.44 10.52 9.40
C GLY B 171 4.82 10.34 9.99
N ARG B 172 4.83 9.89 11.24
CA ARG B 172 6.03 9.66 11.97
C ARG B 172 6.91 8.56 11.35
N MET B 173 6.32 7.41 11.02
CA MET B 173 7.05 6.41 10.24
C MET B 173 7.52 6.99 8.92
N LEU B 174 6.62 7.68 8.24
CA LEU B 174 6.86 8.17 6.88
C LEU B 174 7.97 9.22 6.86
N ALA B 175 7.96 10.07 7.87
CA ALA B 175 9.02 11.03 8.10
C ALA B 175 10.39 10.34 8.24
N GLY B 176 10.45 9.30 9.07
CA GLY B 176 11.70 8.61 9.25
C GLY B 176 12.32 8.10 7.93
N LEU B 177 11.48 7.71 6.99
CA LEU B 177 11.94 7.24 5.68
C LEU B 177 12.16 8.32 4.59
N GLU B 178 11.37 9.40 4.59
CA GLU B 178 11.59 10.52 3.63
C GLU B 178 12.95 11.21 3.83
N GLN B 179 13.78 11.13 2.79
CA GLN B 179 15.18 11.53 2.85
C GLN B 179 15.57 12.28 1.57
CL CL C . 5.57 -11.87 5.91
CL CL D . 1.88 -0.71 3.41
CL CL E . -6.04 12.84 -2.25
CL CL F . -2.63 2.17 2.05
#